data_3CS8
#
_entry.id   3CS8
#
_cell.length_a   95.111
_cell.length_b   53.887
_cell.length_c   64.889
_cell.angle_alpha   90.00
_cell.angle_beta   104.83
_cell.angle_gamma   90.00
#
_symmetry.space_group_name_H-M   'C 1 2 1'
#
loop_
_entity.id
_entity.type
_entity.pdbx_description
1 polymer 'Peroxisome proliferator-activated receptor gamma'
2 polymer 'PGC-1alfa peptide'
3 non-polymer 'SULFATE ION'
4 non-polymer '2,4-THIAZOLIDIINEDIONE, 5-[[4-[2-(METHYL-2-PYRIDINYLAMINO)ETHOXY]PHENYL]METHYL]-(9CL)'
5 water water
#
loop_
_entity_poly.entity_id
_entity_poly.type
_entity_poly.pdbx_seq_one_letter_code
_entity_poly.pdbx_strand_id
1 'polypeptide(L)'
;RGGSPESADLRALAKHLYDSYIKSFPLTKAKARAILTGKTTDKSPFVIYDMNSLMMGEDKIKFKHITPLQEQSKEVAIRI
FQGCQFRSVEAVQEITEYAKSIPGFVNLDLNDQVTLLKYGVHEIIYTMLASLMNKDGVLISEGQGFMTREFLKSLRKPFG
DFMEPKFEFAVKFNALELDDSDLAIFIAVIILSGDRPGLLNVKPIEDIQDNLLQALELQLKLNHPESSQLFAKLLQKMTD
LRQIVTEHVQLLQVIKKTETDMSLHPLLQEIYKDL
;
A
2 'polypeptide(L)' PSLLKKLLLAPA B
#
loop_
_chem_comp.id
_chem_comp.type
_chem_comp.name
_chem_comp.formula
BRL non-polymer '2,4-THIAZOLIDIINEDIONE, 5-[[4-[2-(METHYL-2-PYRIDINYLAMINO)ETHOXY]PHENYL]METHYL]-(9CL)' 'C18 H19 N3 O3 S'
SO4 non-polymer 'SULFATE ION' 'O4 S -2'
#
# COMPACT_ATOMS: atom_id res chain seq x y z
N ARG A 1 -1.92 20.84 27.32
CA ARG A 1 -2.15 20.28 25.96
C ARG A 1 -3.46 19.47 25.83
N GLY A 2 -3.78 18.68 26.85
CA GLY A 2 -4.98 17.82 26.89
C GLY A 2 -6.04 18.11 25.84
N GLY A 3 -6.83 19.16 26.07
CA GLY A 3 -7.92 19.60 25.14
C GLY A 3 -7.77 21.08 24.73
N SER A 4 -6.61 21.43 24.21
CA SER A 4 -6.31 22.77 23.77
C SER A 4 -6.60 22.94 22.26
N PRO A 5 -6.58 24.18 21.75
CA PRO A 5 -6.62 24.42 20.30
C PRO A 5 -5.63 23.61 19.49
N GLU A 6 -4.43 23.36 20.03
CA GLU A 6 -3.47 22.57 19.27
C GLU A 6 -3.96 21.11 19.10
N SER A 7 -4.57 20.56 20.13
CA SER A 7 -5.14 19.24 19.99
C SER A 7 -6.36 19.26 19.02
N ALA A 8 -7.17 20.31 19.02
CA ALA A 8 -8.27 20.46 18.06
C ALA A 8 -7.76 20.47 16.62
N ASP A 9 -6.66 21.20 16.39
CA ASP A 9 -5.94 21.22 15.12
C ASP A 9 -5.37 19.86 14.68
N LEU A 10 -4.87 19.07 15.62
CA LEU A 10 -4.43 17.71 15.28
C LEU A 10 -5.58 16.83 14.81
N ARG A 11 -6.77 17.01 15.38
CA ARG A 11 -8.00 16.33 14.89
C ARG A 11 -8.38 16.79 13.49
N ALA A 12 -8.25 18.09 13.24
CA ALA A 12 -8.58 18.68 11.89
C ALA A 12 -7.65 18.07 10.84
N LEU A 13 -6.37 17.99 11.17
CA LEU A 13 -5.40 17.32 10.30
C LEU A 13 -5.81 15.85 10.05
N ALA A 14 -6.03 15.09 11.12
CA ALA A 14 -6.55 13.72 11.00
C ALA A 14 -7.76 13.61 10.05
N LYS A 15 -8.76 14.46 10.23
CA LYS A 15 -9.97 14.38 9.40
C LYS A 15 -9.65 14.73 7.94
N HIS A 16 -8.82 15.76 7.72
CA HIS A 16 -8.36 16.14 6.39
C HIS A 16 -7.69 14.98 5.65
N LEU A 17 -6.67 14.38 6.27
CA LEU A 17 -6.04 13.14 5.80
C LEU A 17 -7.04 12.03 5.48
N TYR A 18 -7.94 11.75 6.44
CA TYR A 18 -8.94 10.72 6.21
C TYR A 18 -9.83 11.00 4.97
N ASP A 19 -10.28 12.26 4.81
CA ASP A 19 -11.04 12.64 3.60
C ASP A 19 -10.24 12.45 2.30
N SER A 20 -8.95 12.79 2.34
CA SER A 20 -8.08 12.66 1.17
C SER A 20 -7.87 11.21 0.80
N TYR A 21 -7.81 10.39 1.85
CA TYR A 21 -7.70 8.95 1.76
C TYR A 21 -8.95 8.27 1.16
N ILE A 22 -10.12 8.70 1.59
CA ILE A 22 -11.39 8.25 1.05
C ILE A 22 -11.44 8.47 -0.45
N LYS A 23 -11.05 9.68 -0.85
CA LYS A 23 -10.95 10.15 -2.22
C LYS A 23 -9.84 9.48 -3.06
N SER A 24 -8.69 9.15 -2.45
CA SER A 24 -7.57 8.52 -3.18
C SER A 24 -7.72 7.03 -3.39
N PHE A 25 -8.39 6.35 -2.46
CA PHE A 25 -8.40 4.89 -2.47
C PHE A 25 -9.84 4.39 -2.56
N PRO A 26 -10.28 3.91 -3.75
CA PRO A 26 -11.68 3.48 -3.93
C PRO A 26 -12.15 2.39 -2.96
N LEU A 27 -11.37 1.34 -2.77
CA LEU A 27 -11.75 0.33 -1.79
C LEU A 27 -11.01 0.50 -0.45
N THR A 28 -11.81 0.82 0.57
CA THR A 28 -11.27 1.06 1.89
C THR A 28 -11.22 -0.24 2.71
N LYS A 29 -10.54 -0.22 3.85
CA LYS A 29 -10.51 -1.39 4.74
C LYS A 29 -11.89 -1.81 5.25
N ALA A 30 -12.66 -0.86 5.77
CA ALA A 30 -14.03 -1.10 6.19
C ALA A 30 -14.81 -1.82 5.11
N LYS A 31 -14.73 -1.36 3.87
CA LYS A 31 -15.35 -2.05 2.72
C LYS A 31 -14.75 -3.43 2.43
N ALA A 32 -13.43 -3.53 2.51
CA ALA A 32 -12.76 -4.82 2.32
C ALA A 32 -13.07 -5.86 3.40
N ARG A 33 -13.07 -5.46 4.67
CA ARG A 33 -13.44 -6.38 5.79
C ARG A 33 -14.90 -6.82 5.74
N ALA A 34 -15.76 -5.99 5.18
CA ALA A 34 -17.16 -6.35 5.04
C ALA A 34 -17.30 -7.52 4.04
N ILE A 35 -16.60 -7.44 2.92
CA ILE A 35 -16.55 -8.55 1.96
C ILE A 35 -15.84 -9.78 2.54
N LEU A 36 -14.65 -9.56 3.13
CA LEU A 36 -13.88 -10.68 3.67
C LEU A 36 -14.67 -11.50 4.67
N THR A 37 -15.40 -10.84 5.56
CA THR A 37 -16.12 -11.60 6.58
C THR A 37 -17.56 -11.90 6.19
N GLY A 38 -17.93 -11.63 4.94
CA GLY A 38 -19.26 -11.97 4.46
C GLY A 38 -20.40 -11.20 5.10
N LYS A 39 -20.17 -9.92 5.40
CA LYS A 39 -21.12 -8.98 6.00
C LYS A 39 -22.04 -8.32 4.98
N THR A 40 -21.60 -8.19 3.74
CA THR A 40 -22.36 -7.43 2.75
C THR A 40 -23.65 -8.12 2.30
N THR A 41 -24.58 -7.33 1.81
CA THR A 41 -25.89 -7.81 1.34
C THR A 41 -25.85 -7.96 -0.16
N ASP A 42 -24.79 -7.45 -0.75
CA ASP A 42 -24.79 -7.09 -2.16
C ASP A 42 -23.50 -7.42 -2.89
N LYS A 43 -22.56 -8.13 -2.27
CA LYS A 43 -21.22 -8.14 -2.86
C LYS A 43 -20.78 -9.27 -3.81
N SER A 44 -20.88 -10.52 -3.42
CA SER A 44 -20.43 -11.64 -4.29
C SER A 44 -19.07 -11.46 -5.01
N PRO A 45 -17.96 -11.64 -4.29
CA PRO A 45 -16.65 -11.72 -4.98
C PRO A 45 -16.47 -13.06 -5.74
N PHE A 46 -15.85 -13.00 -6.92
CA PHE A 46 -15.47 -14.23 -7.62
C PHE A 46 -14.21 -14.88 -7.01
N VAL A 47 -14.35 -16.13 -6.60
CA VAL A 47 -13.28 -16.85 -5.94
C VAL A 47 -12.38 -17.62 -6.91
N ILE A 48 -11.08 -17.32 -6.89
CA ILE A 48 -10.10 -18.09 -7.66
C ILE A 48 -9.27 -18.98 -6.71
N TYR A 49 -9.60 -20.27 -6.70
CA TYR A 49 -8.96 -21.25 -5.79
C TYR A 49 -8.17 -22.31 -6.54
N ASP A 50 -8.27 -22.31 -7.87
CA ASP A 50 -7.52 -23.24 -8.69
C ASP A 50 -7.47 -22.80 -10.14
N MET A 51 -6.80 -23.61 -10.95
CA MET A 51 -6.51 -23.32 -12.35
C MET A 51 -7.77 -23.15 -13.20
N ASN A 52 -8.72 -24.04 -12.98
CA ASN A 52 -10.02 -23.96 -13.62
C ASN A 52 -10.83 -22.70 -13.28
N SER A 53 -10.96 -22.41 -11.98
CA SER A 53 -11.63 -21.18 -11.55
C SER A 53 -10.87 -19.97 -12.04
N LEU A 54 -9.55 -20.06 -12.13
CA LEU A 54 -8.75 -18.98 -12.74
C LEU A 54 -9.15 -18.73 -14.22
N MET A 55 -9.32 -19.81 -14.99
CA MET A 55 -9.81 -19.74 -16.37
C MET A 55 -11.14 -18.99 -16.44
N MET A 56 -12.08 -19.37 -15.58
CA MET A 56 -13.39 -18.72 -15.46
C MET A 56 -13.37 -17.24 -15.06
N GLY A 57 -12.66 -16.92 -13.97
CA GLY A 57 -12.66 -15.58 -13.40
C GLY A 57 -11.73 -14.57 -14.04
N GLU A 58 -10.66 -15.06 -14.68
CA GLU A 58 -9.69 -14.25 -15.42
C GLU A 58 -10.31 -13.03 -16.13
N ASP A 59 -11.33 -13.28 -16.93
CA ASP A 59 -12.12 -12.20 -17.51
C ASP A 59 -13.37 -11.98 -16.67
N LYS A 60 -13.16 -11.33 -15.52
CA LYS A 60 -14.20 -10.78 -14.65
C LYS A 60 -15.23 -9.98 -15.45
N ILE A 61 -14.76 -8.92 -16.11
CA ILE A 61 -15.61 -8.10 -16.98
C ILE A 61 -15.17 -8.19 -18.46
N PRO A 68 -6.85 -7.02 -24.00
CA PRO A 68 -6.81 -8.36 -24.63
C PRO A 68 -5.36 -8.80 -24.89
N LEU A 69 -4.73 -8.19 -25.90
CA LEU A 69 -3.38 -8.51 -26.31
C LEU A 69 -2.30 -8.10 -25.30
N GLN A 70 -2.74 -7.70 -24.11
CA GLN A 70 -1.86 -7.59 -22.96
C GLN A 70 -1.40 -8.98 -22.53
N GLU A 71 -2.36 -9.90 -22.48
CA GLU A 71 -2.19 -11.27 -21.99
C GLU A 71 -1.38 -12.19 -22.90
N GLN A 72 -1.62 -12.08 -24.21
CA GLN A 72 -1.03 -12.99 -25.21
C GLN A 72 -1.35 -14.47 -24.87
N SER A 73 -0.46 -15.40 -25.20
CA SER A 73 -0.62 -16.80 -24.86
C SER A 73 0.42 -17.20 -23.79
N LYS A 74 0.43 -16.48 -22.69
CA LYS A 74 1.47 -16.74 -21.69
C LYS A 74 1.00 -17.69 -20.58
N GLU A 75 1.96 -18.28 -19.88
CA GLU A 75 1.63 -19.25 -18.87
C GLU A 75 0.94 -18.54 -17.75
N VAL A 76 0.11 -19.25 -17.02
CA VAL A 76 -0.66 -18.72 -15.90
C VAL A 76 0.11 -17.84 -14.86
N ALA A 77 1.26 -18.29 -14.39
CA ALA A 77 1.99 -17.58 -13.33
C ALA A 77 2.38 -16.17 -13.79
N ILE A 78 2.80 -16.08 -15.04
CA ILE A 78 3.16 -14.82 -15.69
C ILE A 78 1.93 -13.92 -15.98
N ARG A 79 0.88 -14.48 -16.57
CA ARG A 79 -0.40 -13.76 -16.71
C ARG A 79 -0.88 -13.12 -15.40
N ILE A 80 -0.81 -13.89 -14.32
CA ILE A 80 -1.19 -13.40 -13.00
C ILE A 80 -0.36 -12.18 -12.57
N PHE A 81 0.94 -12.24 -12.80
CA PHE A 81 1.82 -11.20 -12.32
C PHE A 81 1.94 -10.01 -13.17
N GLN A 82 1.52 -10.17 -14.43
CA GLN A 82 1.15 -9.04 -15.27
C GLN A 82 -0.01 -8.25 -14.65
N GLY A 83 -1.01 -8.95 -14.11
CA GLY A 83 -2.14 -8.26 -13.44
C GLY A 83 -1.72 -7.63 -12.12
N CYS A 84 -0.85 -8.32 -11.40
CA CYS A 84 -0.25 -7.79 -10.20
C CYS A 84 0.54 -6.48 -10.47
N GLN A 85 1.32 -6.46 -11.54
CA GLN A 85 2.02 -5.26 -12.00
C GLN A 85 1.10 -4.05 -12.26
N PHE A 86 -0.05 -4.29 -12.89
CA PHE A 86 -0.98 -3.21 -13.16
C PHE A 86 -1.65 -2.63 -11.94
N ARG A 87 -2.29 -3.48 -11.14
CA ARG A 87 -2.84 -3.08 -9.84
C ARG A 87 -1.84 -2.24 -9.04
N SER A 88 -0.60 -2.67 -9.02
CA SER A 88 0.42 -1.96 -8.27
C SER A 88 0.78 -0.59 -8.89
N VAL A 89 0.67 -0.45 -10.22
CA VAL A 89 0.80 0.85 -10.87
C VAL A 89 -0.37 1.77 -10.47
N GLU A 90 -1.59 1.23 -10.47
CA GLU A 90 -2.77 1.95 -10.00
C GLU A 90 -2.52 2.44 -8.57
N ALA A 91 -2.12 1.53 -7.70
CA ALA A 91 -1.69 1.82 -6.33
C ALA A 91 -0.69 2.99 -6.21
N VAL A 92 0.40 2.94 -6.98
CA VAL A 92 1.43 3.97 -6.92
C VAL A 92 0.81 5.33 -7.28
N GLN A 93 0.00 5.35 -8.34
CA GLN A 93 -0.71 6.56 -8.74
C GLN A 93 -1.65 7.09 -7.65
N GLU A 94 -2.41 6.21 -7.00
CA GLU A 94 -3.29 6.63 -5.90
C GLU A 94 -2.48 7.14 -4.70
N ILE A 95 -1.36 6.47 -4.39
CA ILE A 95 -0.56 6.88 -3.24
C ILE A 95 0.04 8.25 -3.52
N THR A 96 0.43 8.47 -4.78
CA THR A 96 1.07 9.72 -5.20
C THR A 96 0.09 10.87 -5.00
N GLU A 97 -1.14 10.64 -5.46
CA GLU A 97 -2.23 11.59 -5.30
C GLU A 97 -2.49 11.80 -3.81
N TYR A 98 -2.52 10.73 -3.03
CA TYR A 98 -2.72 10.89 -1.60
C TYR A 98 -1.62 11.73 -0.95
N ALA A 99 -0.36 11.41 -1.26
CA ALA A 99 0.80 12.17 -0.79
C ALA A 99 0.68 13.66 -1.04
N LYS A 100 0.11 14.02 -2.18
CA LYS A 100 0.02 15.43 -2.58
C LYS A 100 -0.98 16.19 -1.74
N SER A 101 -1.94 15.48 -1.17
CA SER A 101 -2.93 16.06 -0.26
C SER A 101 -2.37 16.27 1.15
N ILE A 102 -1.24 15.66 1.50
CA ILE A 102 -0.65 15.93 2.80
C ILE A 102 -0.13 17.36 2.81
N PRO A 103 -0.62 18.18 3.76
CA PRO A 103 -0.21 19.59 3.82
C PRO A 103 1.30 19.69 3.89
N GLY A 104 1.88 20.57 3.07
CA GLY A 104 3.33 20.78 3.05
C GLY A 104 4.04 19.95 2.01
N PHE A 105 3.42 18.84 1.58
CA PHE A 105 4.12 17.90 0.70
C PHE A 105 4.50 18.56 -0.64
N VAL A 106 3.51 19.11 -1.37
CA VAL A 106 3.78 19.71 -2.68
C VAL A 106 4.79 20.87 -2.65
N ASN A 107 4.99 21.47 -1.47
CA ASN A 107 5.98 22.55 -1.32
C ASN A 107 7.39 22.10 -0.98
N LEU A 108 7.60 20.79 -0.90
CA LEU A 108 8.93 20.25 -0.70
C LEU A 108 9.63 20.27 -2.02
N ASP A 109 10.95 20.25 -2.01
CA ASP A 109 11.70 20.15 -3.23
C ASP A 109 11.17 18.93 -3.99
N LEU A 110 11.00 19.08 -5.31
CA LEU A 110 10.37 18.05 -6.14
C LEU A 110 11.16 16.75 -6.13
N ASN A 111 12.48 16.85 -6.08
CA ASN A 111 13.33 15.66 -6.03
C ASN A 111 13.24 14.90 -4.73
N ASP A 112 12.95 15.61 -3.65
CA ASP A 112 12.71 15.01 -2.37
C ASP A 112 11.35 14.33 -2.33
N GLN A 113 10.37 14.93 -3.02
CA GLN A 113 9.06 14.32 -3.22
C GLN A 113 9.23 12.98 -3.88
N VAL A 114 9.92 13.00 -5.02
CA VAL A 114 10.28 11.79 -5.74
C VAL A 114 10.90 10.78 -4.82
N THR A 115 12.00 11.15 -4.16
CA THR A 115 12.68 10.18 -3.30
C THR A 115 11.76 9.58 -2.24
N LEU A 116 10.97 10.42 -1.56
CA LEU A 116 10.02 9.96 -0.55
C LEU A 116 9.06 8.95 -1.14
N LEU A 117 8.52 9.22 -2.33
CA LEU A 117 7.60 8.27 -2.97
C LEU A 117 8.31 7.01 -3.36
N LYS A 118 9.47 7.16 -3.99
CA LYS A 118 10.29 6.02 -4.38
C LYS A 118 10.48 5.02 -3.21
N TYR A 119 10.86 5.51 -2.04
CA TYR A 119 11.04 4.61 -0.88
C TYR A 119 9.75 4.26 -0.16
N GLY A 120 8.80 5.20 -0.11
CA GLY A 120 7.61 5.06 0.72
C GLY A 120 6.57 4.13 0.13
N VAL A 121 6.49 4.12 -1.19
CA VAL A 121 5.42 3.47 -1.95
C VAL A 121 5.33 1.97 -1.66
N HIS A 122 6.46 1.26 -1.54
CA HIS A 122 6.42 -0.19 -1.24
C HIS A 122 5.87 -0.54 0.13
N GLU A 123 6.28 0.24 1.13
CA GLU A 123 5.82 0.08 2.50
C GLU A 123 4.32 0.36 2.60
N ILE A 124 3.85 1.33 1.82
CA ILE A 124 2.42 1.66 1.72
C ILE A 124 1.59 0.59 1.01
N ILE A 125 2.12 0.04 -0.06
CA ILE A 125 1.52 -1.14 -0.69
C ILE A 125 1.36 -2.32 0.30
N TYR A 126 2.43 -2.65 1.01
CA TYR A 126 2.36 -3.70 2.02
C TYR A 126 1.29 -3.40 3.06
N THR A 127 1.32 -2.17 3.58
CA THR A 127 0.35 -1.69 4.56
C THR A 127 -1.10 -1.85 4.04
N MET A 128 -1.36 -1.35 2.84
CA MET A 128 -2.72 -1.31 2.33
C MET A 128 -3.22 -2.63 1.85
N LEU A 129 -2.33 -3.44 1.28
CA LEU A 129 -2.63 -4.86 0.94
C LEU A 129 -3.16 -5.66 2.13
N ALA A 130 -2.60 -5.44 3.31
CA ALA A 130 -3.10 -6.12 4.51
C ALA A 130 -4.61 -5.90 4.70
N SER A 131 -5.10 -4.72 4.36
CA SER A 131 -6.53 -4.42 4.46
C SER A 131 -7.34 -5.41 3.64
N LEU A 132 -6.72 -5.90 2.56
CA LEU A 132 -7.40 -6.70 1.54
C LEU A 132 -7.20 -8.22 1.74
N MET A 133 -6.48 -8.58 2.79
CA MET A 133 -6.06 -9.94 3.08
C MET A 133 -6.65 -10.53 4.37
N ASN A 134 -7.01 -11.80 4.33
CA ASN A 134 -7.15 -12.61 5.55
C ASN A 134 -6.15 -13.76 5.45
N LYS A 135 -6.17 -14.72 6.37
CA LYS A 135 -5.28 -15.90 6.33
C LYS A 135 -5.50 -16.79 5.10
N ASP A 136 -6.66 -16.65 4.47
CA ASP A 136 -7.12 -17.53 3.39
C ASP A 136 -6.84 -17.04 1.97
N GLY A 137 -6.91 -15.72 1.76
CA GLY A 137 -6.53 -15.12 0.47
C GLY A 137 -6.64 -13.61 0.49
N VAL A 138 -6.58 -13.02 -0.70
CA VAL A 138 -6.59 -11.57 -0.89
C VAL A 138 -7.68 -11.13 -1.91
N LEU A 139 -8.36 -10.05 -1.56
CA LEU A 139 -9.36 -9.37 -2.42
C LEU A 139 -8.69 -8.60 -3.52
N ILE A 140 -9.16 -8.81 -4.75
CA ILE A 140 -8.62 -8.16 -5.95
C ILE A 140 -9.71 -7.47 -6.79
N SER A 141 -9.27 -6.58 -7.69
CA SER A 141 -10.15 -5.86 -8.63
C SER A 141 -11.27 -5.18 -7.88
N GLU A 142 -10.87 -4.36 -6.92
CA GLU A 142 -11.75 -3.63 -6.01
C GLU A 142 -12.83 -4.48 -5.35
N GLY A 143 -12.46 -5.68 -4.93
CA GLY A 143 -13.34 -6.54 -4.15
C GLY A 143 -14.17 -7.48 -4.99
N GLN A 144 -13.97 -7.39 -6.31
CA GLN A 144 -14.68 -8.20 -7.30
C GLN A 144 -14.13 -9.62 -7.38
N GLY A 145 -12.94 -9.84 -6.83
CA GLY A 145 -12.36 -11.15 -6.85
C GLY A 145 -11.65 -11.48 -5.57
N PHE A 146 -11.41 -12.77 -5.36
CA PHE A 146 -10.66 -13.19 -4.18
C PHE A 146 -9.77 -14.32 -4.64
N MET A 147 -8.47 -14.15 -4.46
CA MET A 147 -7.56 -15.19 -4.81
C MET A 147 -7.01 -15.85 -3.54
N THR A 148 -7.23 -17.16 -3.38
CA THR A 148 -6.73 -17.90 -2.21
C THR A 148 -5.20 -17.93 -2.12
N ARG A 149 -4.73 -17.94 -0.88
CA ARG A 149 -3.32 -18.06 -0.51
C ARG A 149 -2.74 -19.34 -1.08
N GLU A 150 -3.49 -20.43 -0.90
CA GLU A 150 -3.13 -21.76 -1.36
C GLU A 150 -2.87 -21.81 -2.85
N PHE A 151 -3.83 -21.34 -3.64
CA PHE A 151 -3.65 -21.24 -5.08
C PHE A 151 -2.42 -20.43 -5.53
N LEU A 152 -2.17 -19.31 -4.87
CA LEU A 152 -0.98 -18.50 -5.16
C LEU A 152 0.36 -19.23 -4.80
N LYS A 153 0.34 -20.02 -3.72
CA LYS A 153 1.44 -20.92 -3.36
C LYS A 153 1.68 -22.01 -4.42
N SER A 154 0.63 -22.47 -5.08
CA SER A 154 0.72 -23.55 -6.08
C SER A 154 1.40 -23.12 -7.37
N LEU A 155 1.59 -21.82 -7.53
CA LEU A 155 2.15 -21.26 -8.74
C LEU A 155 3.63 -21.56 -8.81
N ARG A 156 4.12 -21.74 -10.02
CA ARG A 156 5.50 -22.12 -10.19
C ARG A 156 6.45 -21.03 -9.66
N LYS A 157 7.63 -21.48 -9.27
CA LYS A 157 8.74 -20.66 -8.81
C LYS A 157 9.18 -19.74 -9.93
N PRO A 158 9.51 -18.46 -9.63
CA PRO A 158 9.53 -17.75 -8.35
C PRO A 158 8.17 -17.14 -7.94
N PHE A 159 7.22 -17.19 -8.87
CA PHE A 159 5.90 -16.61 -8.66
C PHE A 159 5.13 -17.16 -7.48
N GLY A 160 5.13 -18.47 -7.28
CA GLY A 160 4.48 -19.09 -6.13
C GLY A 160 4.83 -18.64 -4.73
N ASP A 161 5.90 -17.88 -4.55
CA ASP A 161 6.14 -17.35 -3.21
C ASP A 161 6.44 -15.85 -3.08
N PHE A 162 6.01 -15.09 -4.10
CA PHE A 162 5.83 -13.64 -4.05
C PHE A 162 4.96 -13.18 -2.86
N MET A 163 3.68 -13.54 -2.87
CA MET A 163 2.66 -13.09 -1.90
C MET A 163 2.87 -13.63 -0.52
N GLU A 164 3.44 -14.83 -0.39
CA GLU A 164 3.47 -15.49 0.91
C GLU A 164 3.96 -14.61 2.08
N PRO A 165 5.13 -13.94 1.91
CA PRO A 165 5.58 -12.93 2.87
C PRO A 165 4.58 -11.79 3.12
N LYS A 166 3.92 -11.31 2.06
CA LYS A 166 2.86 -10.31 2.22
C LYS A 166 1.73 -10.83 3.12
N PHE A 167 1.35 -12.10 2.97
CA PHE A 167 0.36 -12.74 3.87
C PHE A 167 0.81 -12.76 5.33
N GLU A 168 2.07 -13.07 5.55
CA GLU A 168 2.61 -13.19 6.91
C GLU A 168 2.61 -11.85 7.63
N PHE A 169 3.07 -10.81 6.93
CA PHE A 169 3.00 -9.48 7.46
C PHE A 169 1.53 -9.08 7.81
N ALA A 170 0.62 -9.29 6.85
CA ALA A 170 -0.80 -8.92 6.97
C ALA A 170 -1.44 -9.53 8.22
N VAL A 171 -1.23 -10.82 8.41
CA VAL A 171 -1.74 -11.53 9.59
C VAL A 171 -1.44 -10.78 10.89
N LYS A 172 -0.18 -10.35 11.05
CA LYS A 172 0.28 -9.70 12.30
C LYS A 172 -0.13 -8.23 12.39
N PHE A 173 -0.07 -7.54 11.26
CA PHE A 173 -0.49 -6.15 11.21
C PHE A 173 -2.01 -5.99 11.42
N ASN A 174 -2.81 -6.91 10.83
CA ASN A 174 -4.27 -6.90 10.99
C ASN A 174 -4.76 -7.12 12.44
N ALA A 175 -3.90 -7.77 13.24
CA ALA A 175 -4.19 -8.04 14.65
C ALA A 175 -4.33 -6.77 15.46
N LEU A 176 -3.75 -5.68 14.96
CA LEU A 176 -3.80 -4.34 15.58
C LEU A 176 -5.12 -3.63 15.33
N GLU A 177 -5.92 -4.11 14.39
CA GLU A 177 -7.28 -3.61 14.23
C GLU A 177 -7.39 -2.12 13.95
N LEU A 178 -6.46 -1.58 13.17
CA LEU A 178 -6.53 -0.21 12.73
C LEU A 178 -7.70 -0.05 11.76
N ASP A 179 -8.37 1.08 11.81
CA ASP A 179 -9.38 1.34 10.79
C ASP A 179 -8.84 2.36 9.79
N ASP A 180 -9.65 2.74 8.81
CA ASP A 180 -9.20 3.67 7.76
C ASP A 180 -8.75 5.03 8.25
N SER A 181 -9.41 5.59 9.25
CA SER A 181 -8.96 6.86 9.83
C SER A 181 -7.59 6.73 10.53
N ASP A 182 -7.33 5.60 11.19
CA ASP A 182 -5.97 5.35 11.76
C ASP A 182 -4.90 5.20 10.65
N LEU A 183 -5.23 4.42 9.63
CA LEU A 183 -4.34 4.18 8.48
C LEU A 183 -3.97 5.42 7.66
N ALA A 184 -4.92 6.34 7.44
CA ALA A 184 -4.61 7.60 6.76
C ALA A 184 -3.41 8.34 7.37
N ILE A 185 -3.38 8.42 8.69
CA ILE A 185 -2.28 9.15 9.38
C ILE A 185 -1.03 8.32 9.38
N PHE A 186 -1.20 7.03 9.56
CA PHE A 186 -0.06 6.13 9.60
C PHE A 186 0.71 6.14 8.27
N ILE A 187 -0.06 6.12 7.19
CA ILE A 187 0.46 6.15 5.84
C ILE A 187 1.21 7.45 5.54
N ALA A 188 0.69 8.57 6.05
CA ALA A 188 1.31 9.87 5.86
C ALA A 188 2.65 9.93 6.58
N VAL A 189 2.68 9.41 7.82
CA VAL A 189 3.87 9.34 8.61
C VAL A 189 4.96 8.62 7.82
N ILE A 190 4.60 7.53 7.14
CA ILE A 190 5.56 6.71 6.41
C ILE A 190 6.19 7.40 5.22
N ILE A 191 5.36 8.15 4.51
CA ILE A 191 5.78 8.92 3.36
C ILE A 191 6.69 10.05 3.77
N LEU A 192 6.37 10.74 4.86
CA LEU A 192 7.24 11.82 5.31
C LEU A 192 8.34 11.29 6.23
N SER A 193 9.13 10.30 5.77
CA SER A 193 10.25 9.75 6.54
C SER A 193 11.53 10.53 6.23
N GLY A 194 12.08 11.23 7.21
CA GLY A 194 13.28 12.07 7.00
C GLY A 194 14.63 11.37 6.84
N ASP A 195 14.63 10.05 6.77
CA ASP A 195 15.86 9.27 6.78
C ASP A 195 16.07 8.44 5.52
N ARG A 196 15.28 8.70 4.48
CA ARG A 196 15.50 8.07 3.18
C ARG A 196 16.86 8.55 2.64
N PRO A 197 17.58 7.69 1.90
CA PRO A 197 18.85 8.08 1.25
C PRO A 197 18.66 9.09 0.12
N GLY A 198 19.54 10.07 0.05
CA GLY A 198 19.53 11.04 -1.03
C GLY A 198 18.70 12.30 -0.80
N LEU A 199 18.03 12.41 0.35
CA LEU A 199 17.20 13.62 0.61
C LEU A 199 18.02 14.90 0.68
N LEU A 200 17.47 15.98 0.12
CA LEU A 200 18.18 17.25 0.09
C LEU A 200 17.98 18.05 1.37
N ASN A 201 16.72 18.20 1.78
CA ASN A 201 16.31 19.04 2.89
C ASN A 201 15.51 18.16 3.83
N VAL A 202 16.20 17.63 4.83
CA VAL A 202 15.68 16.62 5.73
C VAL A 202 14.79 17.25 6.80
N LYS A 203 15.16 18.44 7.25
CA LYS A 203 14.53 19.12 8.38
C LYS A 203 13.04 19.52 8.16
N PRO A 204 12.71 20.07 6.98
CA PRO A 204 11.29 20.35 6.71
C PRO A 204 10.44 19.09 6.59
N ILE A 205 11.06 17.96 6.23
CA ILE A 205 10.38 16.68 6.15
C ILE A 205 10.13 16.16 7.56
N GLU A 206 11.17 16.19 8.42
CA GLU A 206 11.03 15.78 9.83
C GLU A 206 10.03 16.65 10.56
N ASP A 207 9.99 17.94 10.26
CA ASP A 207 8.98 18.83 10.80
C ASP A 207 7.53 18.41 10.47
N ILE A 208 7.23 18.12 9.19
CA ILE A 208 5.88 17.62 8.83
C ILE A 208 5.60 16.30 9.55
N GLN A 209 6.57 15.39 9.59
CA GLN A 209 6.37 14.06 10.22
C GLN A 209 6.04 14.12 11.70
N ASP A 210 6.78 14.96 12.45
CA ASP A 210 6.57 15.17 13.90
C ASP A 210 5.14 15.64 14.17
N ASN A 211 4.68 16.56 13.33
CA ASN A 211 3.27 16.98 13.36
C ASN A 211 2.35 15.77 13.09
N LEU A 212 2.66 14.98 12.06
CA LEU A 212 1.87 13.78 11.75
C LEU A 212 1.90 12.73 12.87
N LEU A 213 3.07 12.55 13.49
CA LEU A 213 3.24 11.58 14.58
C LEU A 213 2.37 11.95 15.77
N GLN A 214 2.30 13.23 16.07
CA GLN A 214 1.40 13.75 17.10
C GLN A 214 -0.09 13.56 16.75
N ALA A 215 -0.48 13.85 15.50
CA ALA A 215 -1.87 13.57 15.05
C ALA A 215 -2.20 12.10 15.21
N LEU A 216 -1.22 11.25 14.89
CA LEU A 216 -1.34 9.81 15.05
C LEU A 216 -1.53 9.42 16.51
N GLU A 217 -0.68 9.95 17.39
CA GLU A 217 -0.74 9.60 18.81
C GLU A 217 -2.14 9.94 19.35
N LEU A 218 -2.58 11.16 19.13
CA LEU A 218 -3.92 11.54 19.54
C LEU A 218 -5.03 10.64 18.90
N GLN A 219 -4.92 10.33 17.61
CA GLN A 219 -5.93 9.49 16.99
C GLN A 219 -6.06 8.15 17.72
N LEU A 220 -4.92 7.57 18.06
CA LEU A 220 -4.93 6.22 18.64
C LEU A 220 -5.42 6.23 20.07
N LYS A 221 -5.22 7.32 20.78
CA LYS A 221 -5.76 7.43 22.15
C LYS A 221 -7.27 7.58 22.16
N LEU A 222 -7.77 8.34 21.22
CA LEU A 222 -9.20 8.61 21.10
C LEU A 222 -9.92 7.43 20.51
N ASN A 223 -9.31 6.81 19.49
CA ASN A 223 -9.97 5.75 18.72
C ASN A 223 -9.71 4.34 19.28
N HIS A 224 -8.64 4.18 20.06
CA HIS A 224 -8.25 2.89 20.64
C HIS A 224 -7.83 3.08 22.09
N PRO A 225 -8.79 3.46 22.98
CA PRO A 225 -8.48 3.94 24.32
C PRO A 225 -7.93 2.82 25.23
N GLU A 226 -8.31 1.58 24.91
CA GLU A 226 -7.88 0.41 25.63
C GLU A 226 -6.57 -0.27 25.20
N SER A 227 -5.79 0.36 24.35
CA SER A 227 -4.60 -0.29 23.86
C SER A 227 -3.54 0.69 24.08
N SER A 228 -2.94 0.66 25.25
CA SER A 228 -2.03 1.69 25.68
C SER A 228 -0.70 1.72 24.93
N GLN A 229 -0.38 0.64 24.25
CA GLN A 229 0.88 0.52 23.61
C GLN A 229 0.76 0.56 22.13
N LEU A 230 -0.46 0.74 21.63
CA LEU A 230 -0.71 0.76 20.18
C LEU A 230 0.28 1.61 19.40
N PHE A 231 0.52 2.83 19.86
CA PHE A 231 1.34 3.76 19.13
C PHE A 231 2.78 3.26 19.04
N ALA A 232 3.31 2.80 20.17
CA ALA A 232 4.58 2.11 20.24
C ALA A 232 4.65 0.89 19.32
N LYS A 233 3.60 0.08 19.29
CA LYS A 233 3.50 -1.03 18.33
C LYS A 233 3.51 -0.57 16.86
N LEU A 234 2.86 0.56 16.56
CA LEU A 234 2.83 1.06 15.19
C LEU A 234 4.19 1.52 14.73
N LEU A 235 4.90 2.21 15.60
CA LEU A 235 6.25 2.69 15.32
C LEU A 235 7.20 1.55 15.03
N GLN A 236 6.92 0.38 15.62
CA GLN A 236 7.69 -0.85 15.42
C GLN A 236 7.38 -1.48 14.05
N LYS A 237 6.11 -1.47 13.65
CA LYS A 237 5.74 -1.95 12.33
C LYS A 237 6.39 -1.13 11.24
N MET A 238 6.71 0.12 11.55
CA MET A 238 7.43 1.00 10.62
C MET A 238 8.81 0.47 10.25
N THR A 239 9.55 -0.03 11.23
CA THR A 239 10.84 -0.71 10.96
C THR A 239 10.59 -2.05 10.26
N ASP A 240 9.69 -2.86 10.81
CA ASP A 240 9.28 -4.10 10.14
C ASP A 240 9.11 -3.84 8.65
N LEU A 241 8.31 -2.84 8.28
CA LEU A 241 8.02 -2.52 6.90
C LEU A 241 9.27 -2.27 6.07
N ARG A 242 10.18 -1.48 6.62
CA ARG A 242 11.43 -1.23 5.95
C ARG A 242 12.17 -2.54 5.67
N GLN A 243 12.08 -3.48 6.60
CA GLN A 243 12.78 -4.76 6.43
C GLN A 243 12.09 -5.65 5.40
N ILE A 244 10.77 -5.80 5.48
CA ILE A 244 10.02 -6.67 4.53
C ILE A 244 10.08 -6.21 3.08
N VAL A 245 10.24 -4.92 2.86
CA VAL A 245 10.09 -4.37 1.51
C VAL A 245 11.31 -4.67 0.62
N THR A 246 12.47 -4.91 1.25
CA THR A 246 13.67 -5.32 0.51
C THR A 246 13.52 -6.65 -0.22
N GLU A 247 12.77 -7.58 0.36
CA GLU A 247 12.40 -8.83 -0.32
C GLU A 247 11.68 -8.51 -1.60
N HIS A 248 10.64 -7.69 -1.46
CA HIS A 248 9.79 -7.28 -2.54
C HIS A 248 10.59 -6.64 -3.67
N VAL A 249 11.40 -5.64 -3.29
CA VAL A 249 12.32 -4.95 -4.20
C VAL A 249 13.21 -5.93 -5.00
N GLN A 250 13.75 -6.94 -4.33
CA GLN A 250 14.59 -7.94 -4.99
C GLN A 250 13.83 -8.89 -5.90
N LEU A 251 12.70 -9.40 -5.44
CA LEU A 251 11.87 -10.27 -6.27
C LEU A 251 11.44 -9.62 -7.58
N LEU A 252 11.47 -8.29 -7.65
CA LEU A 252 11.09 -7.64 -8.89
C LEU A 252 12.27 -7.38 -9.82
N GLN A 253 13.46 -7.64 -9.32
CA GLN A 253 14.67 -7.65 -10.11
C GLN A 253 14.87 -8.99 -10.81
N VAL A 254 14.03 -9.98 -10.49
CA VAL A 254 14.08 -11.31 -11.14
C VAL A 254 13.75 -11.24 -12.62
N ILE A 255 13.13 -10.13 -13.03
CA ILE A 255 12.84 -9.84 -14.44
C ILE A 255 14.05 -9.35 -15.24
N LYS A 256 15.20 -9.23 -14.58
CA LYS A 256 16.47 -9.10 -15.29
C LYS A 256 16.60 -10.37 -16.10
N LYS A 257 16.26 -11.48 -15.44
CA LYS A 257 16.37 -12.85 -15.90
C LYS A 257 16.39 -13.69 -14.63
N THR A 258 15.70 -14.84 -14.63
CA THR A 258 14.98 -15.35 -15.80
C THR A 258 13.79 -14.44 -16.16
N GLU A 259 12.62 -15.04 -16.31
CA GLU A 259 11.40 -14.30 -16.68
C GLU A 259 11.66 -13.32 -17.83
N THR A 260 12.33 -13.84 -18.84
CA THR A 260 12.71 -13.12 -20.05
C THR A 260 11.47 -12.65 -20.82
N ASP A 261 10.30 -13.17 -20.43
CA ASP A 261 9.03 -12.73 -20.99
C ASP A 261 8.23 -11.85 -20.03
N MET A 262 8.85 -11.44 -18.93
CA MET A 262 8.14 -10.54 -18.04
C MET A 262 8.01 -9.15 -18.64
N SER A 263 9.14 -8.44 -18.74
CA SER A 263 9.13 -7.03 -19.10
C SER A 263 8.34 -6.24 -18.05
N LEU A 264 9.07 -5.62 -17.13
CA LEU A 264 8.50 -4.86 -16.05
C LEU A 264 7.89 -3.54 -16.53
N HIS A 265 6.74 -3.17 -15.96
CA HIS A 265 6.14 -1.85 -16.17
C HIS A 265 7.13 -0.72 -15.87
N PRO A 266 7.26 0.24 -16.83
CA PRO A 266 8.22 1.38 -16.74
C PRO A 266 8.26 2.09 -15.38
N LEU A 267 7.09 2.33 -14.79
CA LEU A 267 6.99 2.98 -13.51
C LEU A 267 7.59 2.14 -12.38
N LEU A 268 7.31 0.83 -12.40
CA LEU A 268 7.86 -0.09 -11.38
C LEU A 268 9.36 -0.22 -11.50
N GLN A 269 9.87 -0.16 -12.73
CA GLN A 269 11.31 -0.14 -12.98
C GLN A 269 11.96 1.03 -12.30
N GLU A 270 11.35 2.20 -12.44
CA GLU A 270 11.89 3.42 -11.86
C GLU A 270 11.94 3.36 -10.34
N ILE A 271 10.86 2.87 -9.73
CA ILE A 271 10.79 2.72 -8.29
C ILE A 271 11.78 1.68 -7.73
N TYR A 272 12.22 0.75 -8.57
CA TYR A 272 13.10 -0.32 -8.12
C TYR A 272 14.59 -0.03 -8.21
N LYS A 273 15.02 0.67 -9.25
CA LYS A 273 16.45 0.84 -9.51
C LYS A 273 17.13 1.91 -8.66
N ASP A 274 18.39 1.64 -8.31
CA ASP A 274 19.23 2.54 -7.51
C ASP A 274 18.63 2.76 -6.14
N LEU A 275 18.32 1.64 -5.47
CA LEU A 275 17.55 1.65 -4.24
C LEU A 275 18.29 0.93 -3.12
N PRO B 1 14.18 10.78 -11.56
CA PRO B 1 12.83 11.15 -11.17
C PRO B 1 11.72 11.03 -12.24
N SER B 2 12.11 10.99 -13.51
CA SER B 2 11.20 10.96 -14.67
C SER B 2 9.70 10.73 -14.46
N LEU B 3 9.29 9.50 -14.16
CA LEU B 3 7.86 9.14 -14.23
C LEU B 3 7.07 9.56 -12.97
N LEU B 4 7.67 9.32 -11.81
CA LEU B 4 7.18 9.83 -10.54
C LEU B 4 7.08 11.35 -10.55
N LYS B 5 8.11 12.02 -11.06
CA LYS B 5 8.02 13.45 -11.28
C LYS B 5 6.78 13.81 -12.06
N LYS B 6 6.57 13.13 -13.18
CA LYS B 6 5.45 13.45 -14.05
C LYS B 6 4.14 13.33 -13.26
N LEU B 7 3.99 12.23 -12.52
CA LEU B 7 2.80 12.08 -11.67
C LEU B 7 2.68 13.17 -10.62
N LEU B 8 3.81 13.56 -10.03
CA LEU B 8 3.84 14.59 -8.98
C LEU B 8 3.49 16.00 -9.49
N LEU B 9 3.74 16.24 -10.76
CA LEU B 9 3.48 17.57 -11.35
C LEU B 9 2.04 17.71 -11.88
N ALA B 10 1.45 16.63 -12.35
CA ALA B 10 0.13 16.69 -12.98
C ALA B 10 -0.87 17.20 -11.95
N PRO B 11 -1.44 18.42 -12.17
CA PRO B 11 -2.59 18.75 -11.34
C PRO B 11 -3.61 17.65 -11.65
N ALA B 12 -4.41 17.25 -10.66
CA ALA B 12 -5.23 16.05 -10.83
C ALA B 12 -6.14 15.81 -9.63
S SO4 C . -6.19 -11.53 9.24
O1 SO4 C . -5.60 -11.01 10.41
O2 SO4 C . -7.35 -10.84 8.79
O3 SO4 C . -5.20 -11.73 8.25
O4 SO4 C . -6.79 -12.77 9.64
S SO4 D . 6.28 -9.38 9.46
O1 SO4 D . 6.81 -9.00 10.73
O2 SO4 D . 5.42 -8.27 9.17
O3 SO4 D . 7.22 -9.56 8.42
O4 SO4 D . 5.63 -10.66 9.57
S SO4 E . -12.06 -1.47 9.53
O1 SO4 E . -11.34 -1.32 10.76
O2 SO4 E . -12.57 -0.17 9.12
O3 SO4 E . -11.19 -1.94 8.51
O4 SO4 E . -13.01 -2.55 9.65
S1 BRL F . 3.78 -6.08 -8.03
O2 BRL F . 5.42 -5.82 -9.85
O4 BRL F . 5.24 -2.89 -6.47
O13 BRL F . -1.08 -8.34 -4.94
N3 BRL F . 5.72 -4.45 -8.06
N16 BRL F . -3.01 -9.88 -7.66
N18 BRL F . -4.53 -8.43 -8.85
C2 BRL F . 5.10 -5.41 -8.74
C4 BRL F . 4.97 -3.90 -7.12
C5 BRL F . 3.67 -4.63 -6.98
C6 BRL F . 3.37 -4.88 -5.49
C7 BRL F . 2.17 -5.78 -5.34
C8 BRL F . 0.92 -5.40 -5.85
C9 BRL F . -0.19 -6.25 -5.72
C10 BRL F . -0.02 -7.48 -5.07
C11 BRL F . 1.23 -7.85 -4.57
C12 BRL F . 2.33 -7.00 -4.71
C14 BRL F . -1.37 -9.26 -6.00
C15 BRL F . -2.63 -8.81 -6.74
C16 BRL F . -2.69 -11.28 -7.35
C17 BRL F . -3.75 -9.55 -8.82
C19 BRL F . -5.26 -8.07 -9.92
C20 BRL F . -5.23 -8.84 -11.07
C21 BRL F . -4.44 -9.99 -11.09
C22 BRL F . -3.69 -10.36 -9.96
S SO4 G . 10.03 16.09 -15.67
O1 SO4 G . 9.86 16.28 -14.24
O2 SO4 G . 8.75 16.41 -16.29
O3 SO4 G . 11.11 17.02 -16.04
O4 SO4 G . 10.34 14.69 -15.98
#